data_4BVE
#
_entry.id   4BVE
#
_cell.length_a   80.990
_cell.length_b   126.970
_cell.length_c   76.490
_cell.angle_alpha   90.00
_cell.angle_beta   90.00
_cell.angle_gamma   90.00
#
_symmetry.space_group_name_H-M   'C 2 2 21'
#
loop_
_entity.id
_entity.type
_entity.pdbx_description
1 polymer 'NAD-DEPENDENT PROTEIN DEACETYLASE SIRTUIN-3, MITOCHONDRIAL'
2 polymer 'ACETYL-COENZYME A SYNTHETASE 2-LIKE, MITOCHONDRIAL'
3 non-polymer 'ZINC ION'
4 non-polymer 'CHLORIDE ION'
5 non-polymer DI(HYDROXYETHYL)ETHER
6 non-polymer 'SULFATE ION'
7 non-polymer 1,2-ETHANEDIOL
8 water water
#
loop_
_entity_poly.entity_id
_entity_poly.type
_entity_poly.pdbx_seq_one_letter_code
_entity_poly.pdbx_strand_id
1 'polypeptide(L)'
;GSSDKGKLSLQDVAELIRARACQRVVVMVGAGISTPSGIPDFRSPGSGLYSNLQQYDLPYPEAIFELPFFFHNPKPFFTL
AKELYPGNYKPNVTHYFLRLLHDKGLLLRLYTQNIDGLERVSGIPASKLVEAHGTFASATCTVCQRPFPGEDIRADVMAD
RVPRCPVCTGVVKPDIVFFGEPLPQRFLLHVVDFPMADLLLILGTSLEVEPFASLTEAVRSSVPRLLINRDLVGPLAWHP
RSRDVAQLGDVVHGVESLVELLGWTEEMRDLVQRETGKLDGPDK
;
A
2 'polypeptide(L)' TRSG(FZN)VMRRL B
#
loop_
_chem_comp.id
_chem_comp.type
_chem_comp.name
_chem_comp.formula
CL non-polymer 'CHLORIDE ION' 'Cl -1'
EDO non-polymer 1,2-ETHANEDIOL 'C2 H6 O2'
PEG non-polymer DI(HYDROXYETHYL)ETHER 'C4 H10 O3'
SO4 non-polymer 'SULFATE ION' 'O4 S -2'
ZN non-polymer 'ZINC ION' 'Zn 2'
#
# COMPACT_ATOMS: atom_id res chain seq x y z
N GLY A 6 -1.17 29.11 -0.35
CA GLY A 6 -1.47 29.65 -1.73
C GLY A 6 -1.34 28.54 -2.76
N LYS A 7 -2.27 28.52 -3.73
CA LYS A 7 -2.38 27.52 -4.83
C LYS A 7 -1.08 26.86 -5.46
N LEU A 8 -0.60 25.75 -4.88
CA LEU A 8 0.67 25.12 -5.30
C LEU A 8 0.56 24.33 -6.55
N SER A 9 1.61 24.30 -7.35
CA SER A 9 1.63 23.34 -8.52
C SER A 9 2.59 22.20 -8.22
N LEU A 10 2.68 21.23 -9.14
CA LEU A 10 3.57 20.11 -8.93
C LEU A 10 5.00 20.63 -8.89
N GLN A 11 5.28 21.60 -9.75
CA GLN A 11 6.62 22.22 -9.78
C GLN A 11 6.94 22.94 -8.47
N ASP A 12 5.99 23.66 -7.84
CA ASP A 12 6.22 24.20 -6.50
C ASP A 12 6.64 23.13 -5.48
N VAL A 13 6.02 21.97 -5.53
CA VAL A 13 6.34 20.93 -4.55
C VAL A 13 7.76 20.44 -4.84
N ALA A 14 8.08 20.23 -6.12
CA ALA A 14 9.45 19.77 -6.42
C ALA A 14 10.48 20.82 -5.89
N GLU A 15 10.19 22.11 -6.04
CA GLU A 15 11.11 23.14 -5.60
CA GLU A 15 11.13 23.15 -5.56
C GLU A 15 11.26 23.15 -4.07
N LEU A 16 10.18 22.85 -3.35
CA LEU A 16 10.30 22.76 -1.89
C LEU A 16 11.27 21.64 -1.48
N ILE A 17 11.16 20.52 -2.18
CA ILE A 17 12.15 19.44 -1.94
C ILE A 17 13.57 19.90 -2.35
N ARG A 18 13.69 20.41 -3.58
CA ARG A 18 15.01 20.82 -4.08
C ARG A 18 15.70 21.89 -3.19
N ALA A 19 14.92 22.81 -2.59
CA ALA A 19 15.43 23.89 -1.72
C ALA A 19 15.59 23.38 -0.26
N ARG A 20 15.28 22.09 -0.04
CA ARG A 20 15.29 21.51 1.29
C ARG A 20 14.35 22.20 2.25
N ALA A 21 13.26 22.79 1.75
CA ALA A 21 12.20 23.25 2.61
C ALA A 21 11.40 22.07 3.16
N CYS A 22 11.39 20.92 2.43
CA CYS A 22 10.68 19.71 2.88
C CYS A 22 11.70 18.62 2.99
N GLN A 23 11.87 18.11 4.20
CA GLN A 23 12.88 17.12 4.50
C GLN A 23 12.29 15.78 5.00
N ARG A 24 11.01 15.78 5.37
CA ARG A 24 10.39 14.59 6.05
C ARG A 24 9.09 14.23 5.33
N VAL A 25 9.22 13.38 4.32
CA VAL A 25 8.04 13.05 3.52
C VAL A 25 7.38 11.80 4.13
N VAL A 26 6.08 11.91 4.41
CA VAL A 26 5.24 10.74 4.65
C VAL A 26 4.41 10.41 3.41
N VAL A 27 4.28 9.11 3.12
CA VAL A 27 3.62 8.61 1.92
C VAL A 27 2.53 7.62 2.30
N MET A 28 1.36 7.78 1.67
CA MET A 28 0.22 6.89 1.87
C MET A 28 -0.12 6.28 0.50
N VAL A 29 -0.13 4.95 0.39
CA VAL A 29 -0.44 4.36 -0.89
C VAL A 29 -1.53 3.30 -0.77
N GLY A 30 -2.12 2.98 -1.93
CA GLY A 30 -3.07 1.85 -2.04
C GLY A 30 -2.81 1.10 -3.34
N ALA A 31 -3.78 0.27 -3.72
CA ALA A 31 -3.68 -0.71 -4.80
C ALA A 31 -3.35 -0.13 -6.15
N GLY A 32 -3.65 1.15 -6.36
CA GLY A 32 -3.42 1.80 -7.66
C GLY A 32 -1.92 1.91 -7.91
N ILE A 33 -1.07 1.86 -6.88
CA ILE A 33 0.38 1.82 -7.26
C ILE A 33 0.87 0.50 -7.81
N SER A 34 0.11 -0.59 -7.61
CA SER A 34 0.54 -1.91 -8.12
C SER A 34 -0.22 -2.39 -9.33
N THR A 35 -1.24 -1.66 -9.78
CA THR A 35 -1.89 -2.12 -11.01
C THR A 35 -0.93 -2.10 -12.22
N PRO A 36 0.04 -1.13 -12.29
CA PRO A 36 1.03 -1.23 -13.40
C PRO A 36 1.88 -2.51 -13.30
N SER A 37 1.96 -3.16 -12.12
CA SER A 37 2.73 -4.44 -12.03
C SER A 37 1.84 -5.58 -12.49
N GLY A 38 0.57 -5.26 -12.79
CA GLY A 38 -0.33 -6.34 -13.20
C GLY A 38 -1.29 -6.79 -12.09
N ILE A 39 -1.27 -6.21 -10.89
CA ILE A 39 -2.16 -6.68 -9.85
C ILE A 39 -3.44 -5.82 -9.85
N PRO A 40 -4.59 -6.45 -10.11
CA PRO A 40 -5.89 -5.71 -10.15
C PRO A 40 -6.23 -5.09 -8.79
N ASP A 41 -6.75 -3.85 -8.80
CA ASP A 41 -7.27 -3.19 -7.61
C ASP A 41 -8.77 -3.58 -7.41
N PHE A 42 -9.50 -2.82 -6.60
CA PHE A 42 -10.96 -2.99 -6.42
C PHE A 42 -11.73 -2.11 -7.43
N ARG A 43 -11.32 -0.85 -7.57
CA ARG A 43 -12.20 0.15 -8.19
C ARG A 43 -11.85 0.60 -9.61
N SER A 44 -10.79 0.09 -10.23
CA SER A 44 -10.58 0.57 -11.64
C SER A 44 -11.67 -0.09 -12.52
N PRO A 45 -12.26 0.71 -13.45
CA PRO A 45 -13.31 0.18 -14.38
C PRO A 45 -12.76 -1.02 -15.11
N GLY A 46 -13.59 -2.02 -15.30
CA GLY A 46 -13.21 -3.12 -16.14
C GLY A 46 -12.27 -4.15 -15.55
N SER A 47 -11.13 -3.74 -14.99
CA SER A 47 -10.17 -4.74 -14.49
C SER A 47 -10.27 -4.91 -12.92
N GLY A 48 -10.85 -3.90 -12.27
CA GLY A 48 -11.05 -3.90 -10.78
C GLY A 48 -11.92 -5.07 -10.30
N LEU A 49 -11.69 -5.52 -9.07
CA LEU A 49 -12.53 -6.60 -8.52
C LEU A 49 -14.08 -6.27 -8.55
N TYR A 50 -14.48 -5.02 -8.47
CA TYR A 50 -15.87 -4.63 -8.61
C TYR A 50 -16.50 -5.18 -9.93
N SER A 51 -15.66 -5.35 -10.95
CA SER A 51 -16.10 -5.84 -12.27
C SER A 51 -15.76 -7.30 -12.49
N ASN A 52 -15.18 -7.97 -11.51
CA ASN A 52 -14.70 -9.35 -11.74
C ASN A 52 -15.09 -10.30 -10.64
N LEU A 53 -16.26 -10.04 -10.06
CA LEU A 53 -16.70 -10.85 -8.88
C LEU A 53 -16.81 -12.33 -9.18
N GLN A 54 -17.39 -12.64 -10.33
CA GLN A 54 -17.53 -14.01 -10.86
C GLN A 54 -16.27 -14.86 -10.83
N GLN A 55 -15.14 -14.28 -11.18
CA GLN A 55 -13.90 -15.04 -11.21
C GLN A 55 -13.44 -15.46 -9.82
N TYR A 56 -13.74 -14.63 -8.81
CA TYR A 56 -13.41 -15.07 -7.44
C TYR A 56 -14.54 -15.72 -6.68
N ASP A 57 -15.66 -15.97 -7.35
CA ASP A 57 -16.83 -16.44 -6.64
C ASP A 57 -17.21 -15.57 -5.41
N LEU A 58 -17.19 -14.26 -5.57
CA LEU A 58 -17.51 -13.35 -4.45
C LEU A 58 -18.88 -12.70 -4.64
N PRO A 59 -19.61 -12.50 -3.52
CA PRO A 59 -20.83 -11.64 -3.62
C PRO A 59 -20.54 -10.14 -3.78
N TYR A 60 -19.43 -9.66 -3.28
CA TYR A 60 -19.02 -8.29 -3.51
C TYR A 60 -17.54 -8.33 -3.10
N PRO A 61 -16.75 -7.27 -3.44
CA PRO A 61 -15.28 -7.40 -3.39
C PRO A 61 -14.75 -7.53 -1.94
N GLU A 62 -15.25 -6.69 -1.04
CA GLU A 62 -14.86 -6.69 0.37
C GLU A 62 -15.05 -8.01 1.13
N ALA A 63 -15.97 -8.86 0.68
CA ALA A 63 -16.21 -10.15 1.35
C ALA A 63 -14.85 -10.94 1.42
N ILE A 64 -13.91 -10.65 0.48
CA ILE A 64 -12.68 -11.44 0.44
C ILE A 64 -11.83 -11.14 1.70
N PHE A 65 -12.07 -9.98 2.31
CA PHE A 65 -11.39 -9.56 3.53
C PHE A 65 -12.35 -9.49 4.75
N GLU A 66 -13.40 -10.31 4.73
CA GLU A 66 -14.37 -10.34 5.88
C GLU A 66 -14.39 -11.68 6.53
N LEU A 67 -14.43 -11.67 7.86
CA LEU A 67 -14.30 -12.93 8.56
C LEU A 67 -15.51 -13.81 8.38
N PRO A 68 -16.77 -13.24 8.40
CA PRO A 68 -17.86 -14.21 8.28
C PRO A 68 -17.82 -14.96 6.96
N PHE A 69 -17.59 -14.21 5.88
CA PHE A 69 -17.51 -14.88 4.57
C PHE A 69 -16.28 -15.87 4.53
N PHE A 70 -15.16 -15.39 5.03
CA PHE A 70 -13.95 -16.24 5.10
C PHE A 70 -14.20 -17.61 5.78
N PHE A 71 -14.84 -17.62 6.94
CA PHE A 71 -15.01 -18.88 7.66
C PHE A 71 -16.02 -19.73 6.95
N HIS A 72 -16.99 -19.09 6.30
CA HIS A 72 -17.97 -19.79 5.44
C HIS A 72 -17.29 -20.45 4.23
N ASN A 73 -16.32 -19.75 3.65
CA ASN A 73 -15.68 -20.22 2.40
C ASN A 73 -14.34 -19.50 2.20
N PRO A 74 -13.28 -20.13 2.68
CA PRO A 74 -11.97 -19.47 2.66
C PRO A 74 -11.34 -19.53 1.28
N LYS A 75 -11.96 -20.21 0.31
CA LYS A 75 -11.27 -20.51 -0.97
C LYS A 75 -10.97 -19.22 -1.78
N PRO A 76 -11.96 -18.29 -1.87
CA PRO A 76 -11.62 -17.08 -2.65
C PRO A 76 -10.42 -16.32 -2.05
N PHE A 77 -10.37 -16.14 -0.75
CA PHE A 77 -9.21 -15.49 -0.19
C PHE A 77 -7.91 -16.21 -0.50
N PHE A 78 -7.91 -17.55 -0.33
CA PHE A 78 -6.70 -18.29 -0.61
C PHE A 78 -6.31 -18.36 -2.11
N THR A 79 -7.25 -18.12 -3.01
CA THR A 79 -6.90 -17.95 -4.44
C THR A 79 -6.06 -16.67 -4.57
N LEU A 80 -6.57 -15.59 -3.97
CA LEU A 80 -5.78 -14.32 -3.94
C LEU A 80 -4.41 -14.48 -3.25
N ALA A 81 -4.38 -15.15 -2.08
CA ALA A 81 -3.14 -15.43 -1.40
C ALA A 81 -2.16 -16.13 -2.38
N LYS A 82 -2.66 -17.14 -3.07
CA LYS A 82 -1.81 -17.87 -3.99
C LYS A 82 -1.24 -16.92 -5.14
N GLU A 83 -2.11 -16.10 -5.69
CA GLU A 83 -1.67 -15.00 -6.64
C GLU A 83 -0.68 -14.03 -6.08
N LEU A 84 -0.82 -13.61 -4.80
CA LEU A 84 0.00 -12.53 -4.26
C LEU A 84 1.20 -13.03 -3.48
N TYR A 85 1.36 -14.34 -3.32
CA TYR A 85 2.48 -14.86 -2.53
C TYR A 85 3.83 -14.44 -3.20
N PRO A 86 4.89 -14.20 -2.37
CA PRO A 86 6.12 -13.62 -2.92
C PRO A 86 6.58 -14.37 -4.17
N GLY A 87 7.11 -13.65 -5.16
CA GLY A 87 7.69 -14.31 -6.29
C GLY A 87 6.93 -14.00 -7.57
N ASN A 88 5.62 -13.79 -7.48
CA ASN A 88 4.79 -13.71 -8.67
C ASN A 88 4.82 -12.33 -9.38
N TYR A 89 4.63 -11.27 -8.63
CA TYR A 89 4.63 -9.95 -9.24
C TYR A 89 5.93 -9.22 -8.85
N LYS A 90 6.28 -8.17 -9.59
CA LYS A 90 7.47 -7.36 -9.32
C LYS A 90 7.07 -5.93 -9.10
N PRO A 91 7.85 -5.15 -8.32
CA PRO A 91 7.53 -3.75 -8.14
C PRO A 91 7.66 -2.97 -9.48
N ASN A 92 6.94 -1.89 -9.65
CA ASN A 92 7.05 -1.14 -10.92
C ASN A 92 7.74 0.18 -10.56
N VAL A 93 7.80 1.11 -11.54
CA VAL A 93 8.43 2.44 -11.35
C VAL A 93 7.90 3.19 -10.14
N THR A 94 6.61 3.08 -9.84
CA THR A 94 6.08 3.77 -8.64
C THR A 94 6.85 3.31 -7.41
N HIS A 95 6.98 2.01 -7.24
CA HIS A 95 7.72 1.52 -6.05
C HIS A 95 9.16 1.99 -6.02
N TYR A 96 9.86 1.92 -7.15
CA TYR A 96 11.29 2.34 -7.22
C TYR A 96 11.46 3.86 -6.96
N PHE A 97 10.47 4.67 -7.36
CA PHE A 97 10.46 6.10 -6.99
C PHE A 97 10.41 6.21 -5.46
N LEU A 98 9.56 5.43 -4.79
CA LEU A 98 9.49 5.49 -3.29
C LEU A 98 10.84 5.00 -2.72
N ARG A 99 11.43 4.00 -3.34
CA ARG A 99 12.73 3.49 -2.93
C ARG A 99 13.79 4.59 -3.04
N LEU A 100 13.75 5.33 -4.15
CA LEU A 100 14.73 6.40 -4.44
C LEU A 100 14.56 7.54 -3.44
N LEU A 101 13.30 7.83 -3.13
CA LEU A 101 12.93 8.79 -2.10
CA LEU A 101 12.93 8.79 -2.07
C LEU A 101 13.58 8.37 -0.75
N HIS A 102 13.49 7.09 -0.41
CA HIS A 102 14.20 6.59 0.80
C HIS A 102 15.73 6.76 0.65
N ASP A 103 16.27 6.36 -0.49
CA ASP A 103 17.78 6.41 -0.70
C ASP A 103 18.26 7.87 -0.61
N LYS A 104 17.41 8.82 -1.03
CA LYS A 104 17.77 10.24 -0.99
C LYS A 104 17.52 10.93 0.37
N GLY A 105 17.21 10.17 1.41
CA GLY A 105 17.10 10.67 2.81
C GLY A 105 15.80 11.41 3.04
N LEU A 106 14.82 11.24 2.15
CA LEU A 106 13.57 12.00 2.34
C LEU A 106 12.37 11.28 2.96
N LEU A 107 12.43 9.94 3.03
CA LEU A 107 11.27 9.15 3.48
C LEU A 107 11.19 9.07 5.01
N LEU A 108 10.24 9.77 5.61
CA LEU A 108 9.96 9.56 7.04
C LEU A 108 9.30 8.20 7.22
N ARG A 109 8.29 7.91 6.40
CA ARG A 109 7.61 6.63 6.54
C ARG A 109 6.65 6.43 5.37
N LEU A 110 6.50 5.17 4.98
CA LEU A 110 5.56 4.78 3.91
C LEU A 110 4.51 3.91 4.57
N TYR A 111 3.26 4.38 4.56
CA TYR A 111 2.11 3.71 5.05
C TYR A 111 1.43 3.09 3.82
N THR A 112 1.28 1.76 3.80
CA THR A 112 0.58 1.10 2.68
C THR A 112 -0.61 0.29 3.12
N GLN A 113 -1.66 0.30 2.26
CA GLN A 113 -2.80 -0.61 2.41
C GLN A 113 -2.56 -1.90 1.61
N ASN A 114 -1.51 -1.94 0.78
CA ASN A 114 -1.26 -3.10 -0.11
C ASN A 114 -0.75 -4.24 0.70
N ILE A 115 -1.11 -5.44 0.24
CA ILE A 115 -0.66 -6.72 0.83
C ILE A 115 0.21 -7.50 -0.14
N ASP A 116 0.61 -6.85 -1.24
CA ASP A 116 1.39 -7.52 -2.26
C ASP A 116 2.90 -7.61 -1.86
N GLY A 117 3.28 -6.91 -0.80
CA GLY A 117 4.69 -6.87 -0.28
C GLY A 117 5.71 -6.29 -1.27
N LEU A 118 5.22 -5.45 -2.17
CA LEU A 118 6.16 -4.97 -3.19
C LEU A 118 7.03 -3.82 -2.67
N GLU A 119 6.55 -3.07 -1.65
CA GLU A 119 7.39 -2.06 -0.97
C GLU A 119 8.71 -2.65 -0.42
N ARG A 120 8.62 -3.73 0.36
CA ARG A 120 9.82 -4.44 0.84
CA ARG A 120 9.85 -4.36 0.85
C ARG A 120 10.65 -5.01 -0.30
N VAL A 121 9.98 -5.64 -1.30
CA VAL A 121 10.73 -6.23 -2.43
C VAL A 121 11.51 -5.09 -3.15
N SER A 122 10.91 -3.91 -3.24
CA SER A 122 11.64 -2.81 -3.88
C SER A 122 12.90 -2.37 -3.09
N GLY A 123 13.08 -2.89 -1.88
CA GLY A 123 14.29 -2.52 -1.13
C GLY A 123 14.02 -1.44 -0.08
N ILE A 124 12.78 -1.08 0.19
CA ILE A 124 12.54 -0.14 1.28
C ILE A 124 12.66 -0.93 2.61
N PRO A 125 13.54 -0.51 3.53
CA PRO A 125 13.78 -1.17 4.82
C PRO A 125 12.47 -1.21 5.62
N ALA A 126 12.25 -2.31 6.33
CA ALA A 126 11.01 -2.54 7.10
C ALA A 126 10.76 -1.44 8.11
N SER A 127 11.82 -0.91 8.69
CA SER A 127 11.73 0.18 9.64
C SER A 127 11.10 1.46 9.06
N LYS A 128 11.17 1.64 7.72
CA LYS A 128 10.56 2.80 7.03
CA LYS A 128 10.57 2.79 7.01
C LYS A 128 9.14 2.50 6.57
N LEU A 129 8.71 1.25 6.73
CA LEU A 129 7.37 0.82 6.25
C LEU A 129 6.34 0.52 7.35
N VAL A 130 5.10 0.90 7.13
CA VAL A 130 3.98 0.42 7.94
C VAL A 130 3.03 -0.29 6.99
N GLU A 131 3.06 -1.62 7.01
CA GLU A 131 2.10 -2.42 6.23
C GLU A 131 0.81 -2.47 7.03
N ALA A 132 -0.01 -1.43 6.89
CA ALA A 132 -1.10 -1.18 7.78
C ALA A 132 -2.22 -2.21 7.67
N HIS A 133 -2.37 -2.86 6.51
CA HIS A 133 -3.38 -3.90 6.44
C HIS A 133 -2.83 -5.31 6.44
N GLY A 134 -1.58 -5.43 6.92
CA GLY A 134 -0.98 -6.75 7.24
C GLY A 134 -0.12 -7.25 6.09
N THR A 135 0.24 -8.53 6.13
CA THR A 135 1.25 -9.09 5.27
C THR A 135 1.08 -10.60 5.14
N PHE A 136 1.49 -11.20 4.03
CA PHE A 136 1.57 -12.64 3.93
C PHE A 136 2.85 -13.28 4.57
N ALA A 137 3.75 -12.46 5.14
CA ALA A 137 5.04 -12.91 5.62
C ALA A 137 4.80 -13.80 6.84
N SER A 138 3.65 -13.66 7.49
CA SER A 138 3.38 -14.46 8.67
C SER A 138 1.87 -14.83 8.72
N ALA A 139 1.50 -15.80 9.56
CA ALA A 139 0.11 -16.33 9.58
C ALA A 139 -0.23 -16.76 10.99
N THR A 140 -1.51 -16.88 11.33
CA THR A 140 -1.90 -17.17 12.75
C THR A 140 -3.04 -18.20 12.70
N CYS A 141 -2.96 -19.25 13.51
CA CYS A 141 -4.11 -20.16 13.61
C CYS A 141 -5.35 -19.37 14.07
N THR A 142 -6.46 -19.49 13.33
CA THR A 142 -7.67 -18.79 13.70
C THR A 142 -8.33 -19.33 14.99
N VAL A 143 -7.89 -20.49 15.43
CA VAL A 143 -8.47 -21.12 16.61
C VAL A 143 -7.54 -20.90 17.82
N CYS A 144 -6.32 -21.45 17.77
CA CYS A 144 -5.48 -21.41 18.98
C CYS A 144 -4.57 -20.19 19.00
N GLN A 145 -4.59 -19.36 17.94
CA GLN A 145 -3.69 -18.23 17.78
C GLN A 145 -2.18 -18.53 17.72
N ARG A 146 -1.72 -19.78 17.50
CA ARG A 146 -0.32 -20.01 17.23
C ARG A 146 0.16 -19.24 15.95
N PRO A 147 1.34 -18.56 16.01
CA PRO A 147 1.92 -17.81 14.87
C PRO A 147 2.74 -18.74 13.98
N PHE A 148 2.81 -18.49 12.70
CA PHE A 148 3.61 -19.29 11.79
C PHE A 148 4.32 -18.36 10.82
N PRO A 149 5.58 -18.68 10.46
CA PRO A 149 6.17 -18.01 9.28
C PRO A 149 5.35 -18.30 8.02
N GLY A 150 5.17 -17.30 7.16
CA GLY A 150 4.47 -17.46 5.86
C GLY A 150 4.91 -18.68 5.00
N GLU A 151 6.21 -18.96 5.02
CA GLU A 151 6.84 -20.14 4.43
CA GLU A 151 6.68 -20.12 4.29
C GLU A 151 6.14 -21.46 4.81
N ASP A 152 5.72 -21.56 6.07
CA ASP A 152 5.14 -22.81 6.60
C ASP A 152 3.86 -23.26 5.90
N ILE A 153 3.07 -22.31 5.33
CA ILE A 153 1.81 -22.64 4.72
C ILE A 153 1.94 -22.54 3.21
N ARG A 154 3.14 -22.25 2.71
CA ARG A 154 3.26 -21.97 1.26
C ARG A 154 2.85 -23.14 0.37
N ALA A 155 3.30 -24.35 0.72
CA ALA A 155 3.00 -25.53 -0.13
C ALA A 155 1.50 -25.68 -0.21
N ASP A 156 0.80 -25.49 0.90
CA ASP A 156 -0.62 -25.71 0.84
C ASP A 156 -1.27 -24.59 -0.03
N VAL A 157 -0.85 -23.35 0.19
CA VAL A 157 -1.44 -22.23 -0.61
C VAL A 157 -1.26 -22.49 -2.13
N MET A 158 -0.07 -22.94 -2.52
CA MET A 158 0.25 -23.15 -3.97
C MET A 158 -0.43 -24.37 -4.51
N ALA A 159 -0.83 -25.27 -3.62
CA ALA A 159 -1.57 -26.45 -4.07
C ALA A 159 -3.10 -26.29 -3.92
N ASP A 160 -3.64 -25.09 -3.74
CA ASP A 160 -5.07 -24.90 -3.40
C ASP A 160 -5.64 -25.78 -2.24
N ARG A 161 -4.84 -26.01 -1.21
CA ARG A 161 -5.33 -26.63 0.00
C ARG A 161 -5.39 -25.57 1.11
N VAL A 162 -6.49 -25.55 1.84
CA VAL A 162 -6.63 -24.60 2.93
C VAL A 162 -5.66 -25.01 4.06
N PRO A 163 -4.71 -24.10 4.42
CA PRO A 163 -3.74 -24.48 5.48
C PRO A 163 -4.43 -24.72 6.83
N ARG A 164 -3.94 -25.76 7.53
CA ARG A 164 -4.53 -26.16 8.81
C ARG A 164 -3.43 -26.18 9.91
N CYS A 165 -3.82 -26.03 11.17
CA CYS A 165 -2.86 -25.87 12.25
C CYS A 165 -2.39 -27.28 12.68
N PRO A 166 -1.08 -27.51 12.84
CA PRO A 166 -0.64 -28.85 13.29
C PRO A 166 -0.98 -29.16 14.75
N VAL A 167 -1.41 -28.19 15.50
CA VAL A 167 -1.73 -28.41 16.91
CA VAL A 167 -1.72 -28.51 16.88
C VAL A 167 -3.20 -28.65 17.13
N CYS A 168 -4.06 -27.86 16.43
CA CYS A 168 -5.51 -27.89 16.75
C CYS A 168 -6.35 -28.14 15.52
N THR A 169 -5.72 -28.24 14.32
CA THR A 169 -6.42 -28.35 13.00
C THR A 169 -7.23 -27.09 12.61
N GLY A 170 -7.18 -26.00 13.36
CA GLY A 170 -7.86 -24.75 12.96
C GLY A 170 -7.33 -24.25 11.58
N VAL A 171 -8.16 -23.44 10.88
CA VAL A 171 -7.66 -22.77 9.64
C VAL A 171 -6.54 -21.79 9.98
N VAL A 172 -5.40 -21.89 9.27
CA VAL A 172 -4.27 -20.98 9.51
C VAL A 172 -4.44 -19.80 8.54
N LYS A 173 -4.66 -18.62 9.07
CA LYS A 173 -4.95 -17.44 8.22
C LYS A 173 -3.72 -16.49 8.22
N PRO A 174 -3.22 -16.15 7.00
CA PRO A 174 -2.18 -15.13 6.84
C PRO A 174 -2.52 -13.85 7.58
N ASP A 175 -1.50 -13.12 8.05
CA ASP A 175 -1.75 -11.93 8.86
C ASP A 175 -2.22 -10.73 8.09
N ILE A 176 -3.21 -10.94 7.21
CA ILE A 176 -3.87 -9.82 6.52
C ILE A 176 -4.94 -9.30 7.53
N VAL A 177 -5.01 -8.00 7.73
CA VAL A 177 -6.06 -7.35 8.57
C VAL A 177 -7.37 -7.45 7.79
N PHE A 178 -8.36 -8.12 8.40
CA PHE A 178 -9.70 -8.14 7.79
C PHE A 178 -10.56 -7.00 8.39
N PHE A 179 -11.71 -6.70 7.79
CA PHE A 179 -12.66 -5.70 8.32
C PHE A 179 -13.02 -6.06 9.74
N GLY A 180 -13.10 -5.05 10.61
CA GLY A 180 -13.43 -5.35 12.01
C GLY A 180 -12.18 -5.68 12.83
N GLU A 181 -11.08 -6.06 12.19
CA GLU A 181 -9.89 -6.35 12.96
C GLU A 181 -9.05 -5.06 13.24
N PRO A 182 -8.20 -5.05 14.33
CA PRO A 182 -7.36 -3.91 14.72
C PRO A 182 -6.21 -3.82 13.73
N LEU A 183 -5.69 -2.64 13.42
CA LEU A 183 -4.51 -2.63 12.53
CA LEU A 183 -4.51 -2.54 12.56
C LEU A 183 -3.29 -3.03 13.39
N PRO A 184 -2.17 -3.38 12.75
CA PRO A 184 -1.01 -3.76 13.58
C PRO A 184 -0.50 -2.64 14.44
N GLN A 185 0.19 -3.03 15.50
CA GLN A 185 0.82 -2.09 16.45
C GLN A 185 1.69 -1.05 15.78
N ARG A 186 2.47 -1.42 14.76
CA ARG A 186 3.29 -0.38 14.02
C ARG A 186 2.45 0.77 13.51
N PHE A 187 1.16 0.56 13.23
CA PHE A 187 0.31 1.59 12.70
C PHE A 187 0.33 2.75 13.67
N LEU A 188 0.59 2.50 14.96
CA LEU A 188 0.53 3.63 15.93
C LEU A 188 1.67 4.63 15.72
N LEU A 189 2.69 4.27 14.92
CA LEU A 189 3.71 5.24 14.53
C LEU A 189 3.10 6.50 13.93
N HIS A 190 1.83 6.42 13.50
CA HIS A 190 1.21 7.57 12.91
C HIS A 190 1.08 8.74 13.89
N VAL A 191 0.96 8.44 15.20
CA VAL A 191 0.81 9.46 16.24
C VAL A 191 2.00 10.46 16.24
N VAL A 192 3.22 9.96 16.24
CA VAL A 192 4.37 10.83 16.01
C VAL A 192 4.73 11.14 14.52
N ASP A 193 4.44 10.24 13.56
CA ASP A 193 4.87 10.50 12.17
C ASP A 193 4.08 11.62 11.57
N PHE A 194 2.75 11.63 11.70
CA PHE A 194 2.00 12.66 10.97
C PHE A 194 2.23 14.14 11.43
N PRO A 195 2.44 14.38 12.76
CA PRO A 195 2.78 15.81 13.07
C PRO A 195 4.19 16.23 12.59
N MET A 196 5.12 15.29 12.56
CA MET A 196 6.50 15.52 12.11
C MET A 196 6.66 15.72 10.58
N ALA A 197 5.67 15.29 9.79
CA ALA A 197 5.80 15.32 8.33
C ALA A 197 5.77 16.76 7.84
N ASP A 198 6.59 17.07 6.82
CA ASP A 198 6.53 18.41 6.25
C ASP A 198 6.07 18.32 4.79
N LEU A 199 5.73 17.07 4.39
CA LEU A 199 5.15 16.79 3.08
C LEU A 199 4.38 15.44 3.14
N LEU A 200 3.16 15.43 2.58
CA LEU A 200 2.35 14.18 2.45
C LEU A 200 2.17 13.89 0.96
N LEU A 201 2.55 12.70 0.54
CA LEU A 201 2.25 12.18 -0.75
C LEU A 201 1.21 11.08 -0.60
N ILE A 202 0.17 11.13 -1.45
CA ILE A 202 -0.90 10.11 -1.52
C ILE A 202 -0.97 9.54 -2.92
N LEU A 203 -0.82 8.23 -3.09
CA LEU A 203 -0.76 7.64 -4.43
CA LEU A 203 -0.75 7.63 -4.43
C LEU A 203 -1.66 6.41 -4.60
N GLY A 204 -2.46 6.41 -5.67
CA GLY A 204 -3.12 5.21 -6.03
C GLY A 204 -4.00 4.61 -4.94
N THR A 205 -4.90 5.40 -4.33
CA THR A 205 -5.88 4.81 -3.40
C THR A 205 -7.25 5.58 -3.52
N SER A 206 -8.36 4.92 -3.16
CA SER A 206 -9.68 5.58 -3.18
C SER A 206 -9.95 6.22 -1.83
N LEU A 207 -9.06 5.99 -0.87
CA LEU A 207 -9.27 6.47 0.49
C LEU A 207 -10.65 6.09 1.04
N GLU A 208 -11.03 4.86 0.89
CA GLU A 208 -12.40 4.47 1.30
C GLU A 208 -12.36 3.57 2.52
N VAL A 209 -11.15 3.26 3.02
CA VAL A 209 -11.07 2.41 4.22
C VAL A 209 -10.45 3.16 5.40
N GLU A 210 -11.07 3.05 6.58
CA GLU A 210 -10.63 3.72 7.82
C GLU A 210 -10.07 2.67 8.80
N PRO A 211 -9.24 3.09 9.75
CA PRO A 211 -8.80 4.45 9.99
C PRO A 211 -7.65 4.91 9.07
N PHE A 212 -7.23 4.10 8.09
CA PHE A 212 -6.13 4.54 7.19
C PHE A 212 -6.48 5.87 6.51
N ALA A 213 -7.69 5.96 5.96
CA ALA A 213 -7.98 7.11 5.08
C ALA A 213 -7.87 8.48 5.81
N SER A 214 -8.42 8.57 7.03
CA SER A 214 -8.44 9.82 7.81
CA SER A 214 -8.43 9.86 7.73
C SER A 214 -7.03 10.34 8.16
N LEU A 215 -6.01 9.48 8.04
CA LEU A 215 -4.64 9.96 8.24
C LEU A 215 -4.27 11.13 7.34
N THR A 216 -4.89 11.28 6.16
CA THR A 216 -4.60 12.42 5.27
C THR A 216 -4.88 13.75 6.02
N GLU A 217 -5.78 13.71 7.03
CA GLU A 217 -6.15 14.90 7.82
C GLU A 217 -5.19 15.20 8.95
N ALA A 218 -4.32 14.25 9.29
CA ALA A 218 -3.51 14.39 10.46
C ALA A 218 -2.19 15.19 10.24
N VAL A 219 -1.95 15.68 9.02
CA VAL A 219 -0.78 16.57 8.88
C VAL A 219 -1.21 18.02 9.12
N ARG A 220 -0.25 18.82 9.57
CA ARG A 220 -0.42 20.27 9.85
C ARG A 220 -0.95 21.00 8.65
N SER A 221 -1.75 22.04 8.91
CA SER A 221 -2.45 22.70 7.80
C SER A 221 -1.52 23.44 6.85
N SER A 222 -0.28 23.60 7.26
CA SER A 222 0.75 24.22 6.39
C SER A 222 1.47 23.21 5.46
N VAL A 223 1.21 21.93 5.66
CA VAL A 223 1.90 20.87 4.95
C VAL A 223 1.16 20.62 3.62
N PRO A 224 1.87 20.69 2.47
CA PRO A 224 1.21 20.34 1.23
C PRO A 224 0.83 18.85 1.15
N ARG A 225 -0.24 18.53 0.45
CA ARG A 225 -0.65 17.14 0.33
C ARG A 225 -0.73 16.99 -1.16
N LEU A 226 0.13 16.12 -1.70
CA LEU A 226 0.15 15.88 -3.15
C LEU A 226 -0.45 14.50 -3.41
N LEU A 227 -1.54 14.48 -4.19
CA LEU A 227 -2.21 13.26 -4.63
C LEU A 227 -1.80 12.99 -6.02
N ILE A 228 -1.41 11.74 -6.28
CA ILE A 228 -1.16 11.32 -7.65
C ILE A 228 -2.05 10.09 -7.83
N ASN A 229 -3.09 10.23 -8.63
CA ASN A 229 -4.18 9.25 -8.66
C ASN A 229 -5.05 9.46 -9.87
N ARG A 230 -5.78 8.43 -10.30
CA ARG A 230 -6.74 8.60 -11.45
C ARG A 230 -7.68 9.76 -11.18
N ASP A 231 -8.25 9.83 -9.99
CA ASP A 231 -9.25 10.87 -9.66
C ASP A 231 -8.97 11.51 -8.34
N LEU A 232 -9.60 12.66 -8.09
CA LEU A 232 -9.63 13.33 -6.77
C LEU A 232 -10.46 12.49 -5.80
N VAL A 233 -9.91 12.17 -4.63
CA VAL A 233 -10.53 11.20 -3.73
C VAL A 233 -10.54 11.63 -2.27
N GLY A 234 -11.52 11.10 -1.55
CA GLY A 234 -11.58 11.08 -0.09
C GLY A 234 -11.59 12.45 0.53
N PRO A 235 -10.97 12.56 1.75
CA PRO A 235 -10.85 13.84 2.42
C PRO A 235 -10.15 14.90 1.55
N LEU A 236 -9.51 14.52 0.46
CA LEU A 236 -9.00 15.57 -0.42
C LEU A 236 -10.06 16.23 -1.25
N ALA A 237 -11.04 15.42 -1.71
CA ALA A 237 -12.19 15.90 -2.49
C ALA A 237 -13.19 16.68 -1.60
N TRP A 238 -13.49 16.23 -0.38
CA TRP A 238 -14.50 16.94 0.46
C TRP A 238 -13.97 18.00 1.43
N HIS A 239 -12.72 17.86 1.89
CA HIS A 239 -12.11 18.89 2.76
C HIS A 239 -10.78 19.37 2.23
N PRO A 240 -10.80 20.08 1.07
CA PRO A 240 -9.55 20.47 0.39
C PRO A 240 -8.89 21.57 1.20
N ARG A 241 -7.59 21.51 1.34
CA ARG A 241 -6.87 22.57 2.00
C ARG A 241 -6.08 23.38 0.97
N SER A 242 -5.55 24.52 1.40
CA SER A 242 -5.06 25.49 0.40
C SER A 242 -3.76 25.02 -0.25
N ARG A 243 -2.97 24.22 0.48
CA ARG A 243 -1.71 23.67 -0.07
C ARG A 243 -1.81 22.21 -0.64
N ASP A 244 -3.01 21.83 -1.09
CA ASP A 244 -3.23 20.52 -1.70
C ASP A 244 -2.92 20.63 -3.18
N VAL A 245 -2.34 19.56 -3.76
CA VAL A 245 -1.99 19.57 -5.18
C VAL A 245 -2.52 18.22 -5.69
N ALA A 246 -3.27 18.22 -6.82
CA ALA A 246 -3.73 16.99 -7.43
C ALA A 246 -2.96 16.80 -8.72
N GLN A 247 -2.30 15.69 -8.91
CA GLN A 247 -1.75 15.32 -10.20
C GLN A 247 -2.61 14.13 -10.72
N LEU A 248 -3.68 14.42 -11.47
CA LEU A 248 -4.64 13.37 -11.89
C LEU A 248 -4.22 12.76 -13.17
N GLY A 249 -4.33 11.44 -13.27
CA GLY A 249 -3.91 10.74 -14.43
C GLY A 249 -3.26 9.45 -13.97
N ASP A 250 -2.60 8.75 -14.88
CA ASP A 250 -1.84 7.57 -14.55
C ASP A 250 -0.80 7.88 -13.46
N VAL A 251 -0.73 6.99 -12.48
CA VAL A 251 0.18 7.15 -11.35
C VAL A 251 1.67 7.22 -11.78
N VAL A 252 2.10 6.31 -12.63
CA VAL A 252 3.49 6.29 -13.10
C VAL A 252 3.78 7.59 -13.93
N HIS A 253 2.90 7.98 -14.87
CA HIS A 253 3.10 9.28 -15.56
C HIS A 253 3.21 10.48 -14.58
N GLY A 254 2.33 10.57 -13.58
CA GLY A 254 2.52 11.54 -12.48
C GLY A 254 3.87 11.46 -11.77
N VAL A 255 4.27 10.23 -11.43
CA VAL A 255 5.54 10.04 -10.73
C VAL A 255 6.68 10.50 -11.65
N GLU A 256 6.59 10.14 -12.93
CA GLU A 256 7.66 10.51 -13.90
C GLU A 256 7.81 12.03 -14.01
N SER A 257 6.68 12.74 -14.00
CA SER A 257 6.73 14.21 -14.12
C SER A 257 7.40 14.77 -12.86
N LEU A 258 6.99 14.27 -11.67
CA LEU A 258 7.67 14.77 -10.44
C LEU A 258 9.17 14.46 -10.44
N VAL A 259 9.53 13.21 -10.79
CA VAL A 259 10.90 12.75 -10.76
C VAL A 259 11.80 13.61 -11.69
N GLU A 260 11.23 13.98 -12.84
CA GLU A 260 11.98 14.84 -13.77
C GLU A 260 12.09 16.26 -13.14
N LEU A 261 11.04 16.78 -12.51
CA LEU A 261 11.18 18.09 -11.83
C LEU A 261 12.20 18.07 -10.70
N LEU A 262 12.32 16.93 -10.02
CA LEU A 262 13.28 16.76 -8.93
C LEU A 262 14.69 16.70 -9.44
N GLY A 263 14.87 16.29 -10.71
CA GLY A 263 16.22 16.02 -11.25
C GLY A 263 16.68 14.58 -11.08
N TRP A 264 15.78 13.64 -10.77
CA TRP A 264 16.21 12.24 -10.51
C TRP A 264 16.05 11.23 -11.63
N THR A 265 15.67 11.67 -12.83
CA THR A 265 15.21 10.68 -13.87
C THR A 265 16.24 9.59 -14.20
N GLU A 266 17.52 9.98 -14.41
CA GLU A 266 18.51 9.00 -14.86
C GLU A 266 18.84 8.01 -13.73
N GLU A 267 18.97 8.58 -12.55
CA GLU A 267 19.16 7.74 -11.36
C GLU A 267 17.99 6.76 -11.18
N MET A 268 16.75 7.23 -11.39
CA MET A 268 15.59 6.34 -11.23
CA MET A 268 15.57 6.37 -11.25
C MET A 268 15.63 5.22 -12.26
N ARG A 269 15.92 5.55 -13.51
CA ARG A 269 15.96 4.52 -14.53
C ARG A 269 17.08 3.50 -14.24
N ASP A 270 18.30 3.97 -13.86
CA ASP A 270 19.37 2.99 -13.50
CA ASP A 270 19.39 3.05 -13.48
C ASP A 270 18.92 2.08 -12.38
N LEU A 271 18.28 2.68 -11.36
CA LEU A 271 17.75 1.91 -10.20
C LEU A 271 16.80 0.81 -10.65
N VAL A 272 15.80 1.20 -11.47
CA VAL A 272 14.81 0.25 -11.95
C VAL A 272 15.54 -0.86 -12.75
N GLN A 273 16.48 -0.47 -13.62
CA GLN A 273 17.17 -1.45 -14.45
C GLN A 273 17.84 -2.55 -13.59
N ARG A 274 18.64 -2.11 -12.62
CA ARG A 274 19.38 -2.97 -11.71
CA ARG A 274 19.33 -3.10 -11.83
C ARG A 274 18.42 -3.87 -10.89
N GLU A 275 17.47 -3.21 -10.24
CA GLU A 275 16.60 -3.97 -9.32
C GLU A 275 15.67 -5.03 -9.99
N THR A 276 14.96 -4.63 -11.04
CA THR A 276 13.99 -5.56 -11.65
C THR A 276 14.78 -6.77 -12.28
N GLY A 277 16.03 -6.54 -12.69
CA GLY A 277 16.81 -7.58 -13.37
C GLY A 277 17.32 -8.70 -12.46
N LYS A 278 17.42 -8.43 -11.14
CA LYS A 278 17.84 -9.42 -10.14
C LYS A 278 16.76 -10.46 -10.08
N LEU A 279 15.63 -9.94 -9.62
CA LEU A 279 14.31 -10.56 -9.60
C LEU A 279 14.07 -11.22 -10.96
N SER B 3 -12.34 1.31 16.42
CA SER B 3 -10.91 1.61 16.08
C SER B 3 -10.35 0.61 15.04
N GLY B 4 -11.13 -0.45 14.75
CA GLY B 4 -10.79 -1.47 13.75
C GLY B 4 -10.97 -1.06 12.26
N FZN B 5 -10.54 -1.90 11.33
CA FZN B 5 -10.64 -1.63 9.92
CB FZN B 5 -9.78 -2.69 9.16
C FZN B 5 -12.10 -1.59 9.51
O FZN B 5 -12.84 -2.55 9.76
C4 FZN B 5 -8.95 -3.65 7.01
C5 FZN B 5 -9.34 -3.89 5.57
N2 FZN B 5 -8.40 -4.83 4.96
C6 FZN B 5 -8.16 -4.90 3.74
C7 FZN B 5 -7.20 -5.95 3.29
S1 FZN B 5 -8.94 -3.83 2.68
C8 FZN B 5 -8.01 -3.89 1.04
O3 FZN B 5 -8.79 -3.33 -0.03
C11 FZN B 5 -8.60 -1.88 -0.06
C10 FZN B 5 -7.28 -1.65 0.67
O2 FZN B 5 -7.56 -1.09 1.95
C9 FZN B 5 -6.71 -3.05 0.90
O1 FZN B 5 -5.82 -3.07 2.04
C12 FZN B 5 -8.48 -1.27 -1.50
O4 FZN B 5 -8.43 0.17 -1.43
P1 FZN B 5 -7.34 0.90 -2.35
O5 FZN B 5 -5.99 0.27 -2.03
O6 FZN B 5 -7.58 2.36 -2.05
O7 FZN B 5 -7.75 0.37 -3.84
P2 FZN B 5 -9.08 0.85 -4.67
O8 FZN B 5 -10.26 1.20 -3.77
O9 FZN B 5 -9.18 -0.15 -5.79
O10 FZN B 5 -8.59 2.31 -5.18
CZ1 FZN B 5 -7.49 2.29 -6.08
CZ2 FZN B 5 -7.35 3.71 -6.62
CZ4 FZN B 5 -8.59 4.07 -7.50
OZ5 FZN B 5 -8.84 5.43 -7.22
CZ6 FZN B 5 -8.10 3.92 -8.92
OZ7 FZN B 5 -8.79 4.74 -9.84
CZ8 FZN B 5 -6.63 4.38 -8.78
OZ3 FZN B 5 -6.22 3.81 -7.51
N9 FZN B 5 -5.79 3.75 -9.79
C17 FZN B 5 -4.92 4.42 -10.52
C14 FZN B 5 -4.26 3.41 -11.33
N10 FZN B 5 -4.79 2.22 -11.04
CZ9 FZN B 5 -5.74 2.42 -10.09
N13 FZN B 5 -4.59 5.76 -10.64
C16 FZN B 5 -3.68 6.14 -11.51
N12 FZN B 5 -3.00 5.27 -12.27
C15 FZN B 5 -3.25 3.94 -12.30
N11 FZN B 5 -2.53 3.14 -13.09
C13 FZN B 5 -9.73 -2.48 7.65
N VAL B 6 -12.53 -0.48 8.90
CA VAL B 6 -13.93 -0.36 8.49
CA VAL B 6 -13.93 -0.33 8.51
C VAL B 6 -14.08 0.38 7.17
N MET B 7 -15.07 -0.02 6.38
CA MET B 7 -15.48 0.74 5.18
CA MET B 7 -15.40 0.74 5.15
C MET B 7 -15.89 2.14 5.57
N ARG B 8 -15.74 3.09 4.64
CA ARG B 8 -16.21 4.47 4.75
C ARG B 8 -15.27 5.42 5.47
ZN ZN C . -4.24 -24.03 16.08
CL CL D . 0.65 -6.47 15.98
C1 PEG E . -2.50 6.24 -19.84
O1 PEG E . -1.27 5.49 -19.71
C2 PEG E . -2.56 7.40 -18.86
O2 PEG E . -2.54 8.71 -19.47
C3 PEG E . -3.43 9.56 -18.73
C4 PEG E . -2.62 10.36 -17.73
O4 PEG E . -1.29 10.41 -18.25
S SO4 F . -10.39 -27.77 4.29
O1 SO4 F . -8.95 -27.95 4.72
O2 SO4 F . -10.80 -26.43 4.79
O3 SO4 F . -11.27 -28.90 4.78
O4 SO4 F . -10.57 -27.75 2.80
C1 EDO G . -20.53 -24.27 7.47
O1 EDO G . -19.75 -23.84 8.59
C2 EDO G . -21.62 -23.24 7.19
O2 EDO G . -21.00 -21.98 6.91
#